data_8JZU
#
_entry.id   8JZU
#
loop_
_entity.id
_entity.type
_entity.pdbx_description
1 polymer 'SLC15A4-TSLAA/EGPF tag protein'
2 polymer 'TLR adapter-Green fluorescent protein'
3 non-polymer 2-acetamido-2-deoxy-beta-D-glucopyranose
#
loop_
_entity_poly.entity_id
_entity_poly.type
_entity_poly.pdbx_seq_one_letter_code
_entity_poly.pdbx_strand_id
1 'polypeptide(L)'
;MEGSGGGAGERAPLLGARRAAAAAAAAGAFAGRRAACGAVLLTELLERAAFYGITSNLVLFLNGAPFCWEGAQASEALLL
FMGLTYLGSPFGGWLADARLGRARAILLSLALYLLGMLAFPLLAAPATRAALCGSARLLNCTAPGPDAAARCCSPATFAG
LVLVGLGVATVKANITPFGADQVKDRGPEATRRFFNWFYWSINLGAILSLGGIAYIQQNVSFVTGYAIPTVCVGLAFVVF
LCGQSVFITKPPDGSAFTDMFKILTYSCCSQKRSGERQSNGEGIGVFQQSSKQSLFDSCKMSHGGPFTEEKVEDVKALVK
IVPVFLALIPYWTVYFQMQTTYVLQSLHLRIPEISNITTTPHTLPAAWLTMFDAVLILLLIPLKDKLVDPILRRHGLLPS
SLKRIAVGMFFVMCSAFAAGILESKRLNLVKEKTINQTIGNVVYHAADLSLWWQVPQYLLIGISEIFASIAGLEFAYSAA
PKSMQSAIMGLFFFFSGVGSFVGSGLLALVSIKAIGWMSSHTDFGNINGCYLNYYFFLLAAIQGATLLLFLIISVKYDHH
RDHQRSRANGVPTSRRAGSLEVLFQGPGGGSGGGSWSHPQFEKGGGSGGGSWSHPQFEK
;
A
2 'polypeptide(L)'
;MLSEGYLSGLEYWNDIHWSCVSKGEELFTGVVPILVELDGDVNGHKFSVSGEGEGDATYGKLTLKFICTTGKLPVPWPTL
VTTLTYGVQCFSRYPDHMKQHDFFKSAMPEGYVQERTIFFKDDGNYKTRAEVKFEGDTLVNRIELKGIDFKEDGNILGHK
LEYNYNSHNVYIMADKQKNGIKVNFKIRHNIEDGSVQLADHYQQNTPIGDGPVLLPDNHYLSTQSKLSKDPNEKRDHMVL
LEFVTAAGITLGMDELYK
;
B
#
# COMPACT_ATOMS: atom_id res chain seq x y z
N GLY A 32 -1.27 -33.60 -7.43
CA GLY A 32 -0.44 -33.81 -6.26
C GLY A 32 -0.36 -32.60 -5.35
N ARG A 33 0.47 -31.64 -5.72
CA ARG A 33 0.64 -30.41 -4.96
C ARG A 33 -0.35 -29.33 -5.34
N ARG A 34 -1.22 -29.57 -6.34
CA ARG A 34 -2.18 -28.57 -6.74
C ARG A 34 -3.22 -28.30 -5.67
N ALA A 35 -3.38 -29.21 -4.70
CA ALA A 35 -4.30 -28.97 -3.59
C ALA A 35 -3.74 -28.01 -2.56
N ALA A 36 -2.42 -27.79 -2.57
CA ALA A 36 -1.78 -26.85 -1.65
C ALA A 36 -1.48 -25.50 -2.30
N CYS A 37 -0.98 -25.50 -3.53
CA CYS A 37 -0.72 -24.24 -4.22
C CYS A 37 -2.02 -23.50 -4.49
N GLY A 38 -3.08 -24.22 -4.88
CA GLY A 38 -4.34 -23.57 -5.17
C GLY A 38 -4.93 -22.88 -3.96
N ALA A 39 -4.80 -23.52 -2.79
CA ALA A 39 -5.31 -22.90 -1.56
C ALA A 39 -4.58 -21.59 -1.26
N VAL A 40 -3.26 -21.58 -1.41
CA VAL A 40 -2.49 -20.36 -1.16
C VAL A 40 -2.88 -19.27 -2.16
N LEU A 41 -3.01 -19.65 -3.43
CA LEU A 41 -3.39 -18.68 -4.46
C LEU A 41 -4.76 -18.08 -4.16
N LEU A 42 -5.74 -18.93 -3.84
CA LEU A 42 -7.08 -18.45 -3.57
C LEU A 42 -7.12 -17.57 -2.32
N THR A 43 -6.40 -17.97 -1.28
CA THR A 43 -6.36 -17.17 -0.06
C THR A 43 -5.77 -15.80 -0.32
N GLU A 44 -4.68 -15.74 -1.09
CA GLU A 44 -4.08 -14.45 -1.40
C GLU A 44 -5.01 -13.59 -2.25
N LEU A 45 -5.69 -14.20 -3.22
CA LEU A 45 -6.62 -13.45 -4.05
C LEU A 45 -7.74 -12.84 -3.21
N LEU A 46 -8.35 -13.65 -2.33
CA LEU A 46 -9.44 -13.16 -1.51
C LEU A 46 -8.96 -12.08 -0.54
N GLU A 47 -7.80 -12.29 0.07
CA GLU A 47 -7.26 -11.30 1.01
C GLU A 47 -7.00 -9.97 0.33
N ARG A 48 -6.37 -10.00 -0.85
CA ARG A 48 -6.09 -8.76 -1.55
C ARG A 48 -7.37 -8.08 -2.01
N ALA A 49 -8.35 -8.86 -2.45
CA ALA A 49 -9.63 -8.28 -2.84
C ALA A 49 -10.28 -7.57 -1.67
N ALA A 50 -10.29 -8.19 -0.50
CA ALA A 50 -10.90 -7.55 0.67
C ALA A 50 -10.14 -6.30 1.09
N PHE A 51 -8.81 -6.38 1.10
CA PHE A 51 -8.01 -5.23 1.52
C PHE A 51 -8.23 -4.04 0.60
N TYR A 52 -8.23 -4.27 -0.71
CA TYR A 52 -8.42 -3.15 -1.63
C TYR A 52 -9.87 -2.69 -1.68
N GLY A 53 -10.83 -3.56 -1.36
CA GLY A 53 -12.20 -3.10 -1.21
C GLY A 53 -12.35 -2.17 -0.02
N ILE A 54 -11.64 -2.48 1.07
CA ILE A 54 -11.72 -1.63 2.25
C ILE A 54 -11.00 -0.30 2.03
N THR A 55 -9.79 -0.35 1.48
CA THR A 55 -8.98 0.85 1.36
C THR A 55 -9.55 1.85 0.35
N SER A 56 -10.24 1.38 -0.69
CA SER A 56 -10.64 2.26 -1.78
C SER A 56 -11.64 3.32 -1.33
N ASN A 57 -12.72 2.90 -0.67
CA ASN A 57 -13.83 3.80 -0.37
C ASN A 57 -13.93 4.12 1.13
N LEU A 58 -12.79 4.15 1.82
CA LEU A 58 -12.82 4.49 3.24
C LEU A 58 -13.00 5.98 3.45
N VAL A 59 -12.39 6.81 2.60
CA VAL A 59 -12.53 8.26 2.74
C VAL A 59 -13.97 8.68 2.52
N LEU A 60 -14.62 8.11 1.50
CA LEU A 60 -16.03 8.40 1.27
C LEU A 60 -16.90 7.86 2.40
N PHE A 61 -16.53 6.70 2.94
CA PHE A 61 -17.32 6.10 4.01
C PHE A 61 -17.29 6.96 5.27
N LEU A 62 -16.09 7.38 5.70
CA LEU A 62 -15.97 8.16 6.92
C LEU A 62 -16.61 9.54 6.76
N ASN A 63 -16.43 10.17 5.61
CA ASN A 63 -17.00 11.49 5.35
C ASN A 63 -18.49 11.35 4.99
N GLY A 64 -19.26 10.80 5.93
CA GLY A 64 -20.64 10.47 5.66
C GLY A 64 -21.62 10.89 6.72
N ALA A 65 -22.73 10.16 6.82
CA ALA A 65 -23.78 10.46 7.79
C ALA A 65 -23.43 9.95 9.19
N PRO A 66 -23.10 8.67 9.39
CA PRO A 66 -22.77 8.22 10.75
C PRO A 66 -21.56 8.94 11.35
N PHE A 67 -20.58 9.28 10.54
CA PHE A 67 -19.36 9.92 10.99
C PHE A 67 -19.33 11.35 10.46
N CYS A 68 -19.20 12.33 11.36
CA CYS A 68 -19.05 13.72 10.95
C CYS A 68 -17.58 14.08 10.83
N TRP A 69 -16.85 13.26 10.08
CA TRP A 69 -15.42 13.46 9.88
C TRP A 69 -15.19 14.39 8.71
N GLU A 70 -14.16 15.23 8.84
CA GLU A 70 -13.79 16.13 7.77
C GLU A 70 -12.93 15.38 6.74
N GLY A 71 -12.57 16.07 5.66
CA GLY A 71 -11.71 15.44 4.67
C GLY A 71 -10.33 15.13 5.20
N ALA A 72 -9.73 16.08 5.93
CA ALA A 72 -8.38 15.87 6.44
C ALA A 72 -8.34 14.73 7.44
N GLN A 73 -9.35 14.64 8.32
CA GLN A 73 -9.36 13.57 9.32
C GLN A 73 -9.49 12.20 8.65
N ALA A 74 -10.37 12.07 7.66
CA ALA A 74 -10.53 10.80 6.96
C ALA A 74 -9.26 10.43 6.19
N SER A 75 -8.63 11.42 5.55
CA SER A 75 -7.38 11.16 4.85
C SER A 75 -6.29 10.70 5.82
N GLU A 76 -6.20 11.35 6.98
CA GLU A 76 -5.22 10.93 7.97
C GLU A 76 -5.51 9.52 8.48
N ALA A 77 -6.79 9.20 8.69
CA ALA A 77 -7.14 7.86 9.16
C ALA A 77 -6.75 6.80 8.15
N LEU A 78 -7.04 7.03 6.87
CA LEU A 78 -6.69 6.04 5.87
C LEU A 78 -5.18 5.92 5.70
N LEU A 79 -4.48 7.07 5.77
CA LEU A 79 -3.03 7.05 5.70
C LEU A 79 -2.43 6.25 6.85
N LEU A 80 -2.95 6.46 8.07
CA LEU A 80 -2.49 5.70 9.22
C LEU A 80 -2.79 4.22 9.07
N PHE A 81 -3.96 3.88 8.52
CA PHE A 81 -4.30 2.48 8.30
C PHE A 81 -3.30 1.83 7.34
N MET A 82 -3.02 2.47 6.21
CA MET A 82 -2.07 1.91 5.25
C MET A 82 -0.67 1.84 5.83
N GLY A 83 -0.26 2.88 6.56
CA GLY A 83 1.04 2.86 7.20
C GLY A 83 1.18 1.73 8.20
N LEU A 84 0.12 1.47 8.97
CA LEU A 84 0.15 0.35 9.90
C LEU A 84 0.23 -0.97 9.16
N THR A 85 -0.54 -1.13 8.09
CA THR A 85 -0.51 -2.38 7.34
C THR A 85 0.87 -2.66 6.79
N TYR A 86 1.56 -1.61 6.33
CA TYR A 86 2.88 -1.82 5.74
C TYR A 86 4.01 -1.78 6.77
N LEU A 87 3.77 -1.27 7.97
CA LEU A 87 4.80 -1.19 9.00
C LEU A 87 4.77 -2.33 9.98
N GLY A 88 3.62 -3.00 10.14
CA GLY A 88 3.59 -4.19 10.96
C GLY A 88 4.13 -5.42 10.29
N SER A 89 4.52 -5.32 9.02
CA SER A 89 5.04 -6.47 8.30
C SER A 89 6.32 -7.04 8.91
N PRO A 90 7.36 -6.25 9.22
CA PRO A 90 8.53 -6.84 9.89
C PRO A 90 8.20 -7.47 11.22
N PHE A 91 7.32 -6.85 12.01
CA PHE A 91 6.94 -7.42 13.29
C PHE A 91 6.13 -8.70 13.09
N GLY A 92 5.27 -8.73 12.07
CA GLY A 92 4.57 -9.96 11.76
C GLY A 92 5.50 -11.07 11.36
N GLY A 93 6.52 -10.75 10.54
CA GLY A 93 7.50 -11.75 10.17
C GLY A 93 8.30 -12.26 11.36
N TRP A 94 8.69 -11.35 12.26
CA TRP A 94 9.41 -11.77 13.45
C TRP A 94 8.54 -12.64 14.35
N LEU A 95 7.26 -12.31 14.48
CA LEU A 95 6.35 -13.14 15.25
C LEU A 95 6.21 -14.52 14.61
N ALA A 96 6.16 -14.57 13.29
CA ALA A 96 5.99 -15.85 12.61
C ALA A 96 7.24 -16.71 12.70
N ASP A 97 8.42 -16.10 12.68
CA ASP A 97 9.66 -16.86 12.60
C ASP A 97 10.23 -17.18 13.97
N ALA A 98 10.38 -16.16 14.83
CA ALA A 98 11.04 -16.37 16.12
C ALA A 98 10.21 -17.31 17.01
N ARG A 99 8.89 -17.15 17.02
CA ARG A 99 8.03 -17.98 17.85
C ARG A 99 6.84 -18.42 17.01
N LEU A 100 5.88 -19.06 17.67
CA LEU A 100 4.62 -19.45 17.05
C LEU A 100 4.85 -20.34 15.83
N GLY A 101 4.89 -19.76 14.65
CA GLY A 101 5.08 -20.53 13.44
C GLY A 101 4.69 -19.70 12.24
N ARG A 102 4.71 -20.34 11.07
CA ARG A 102 4.31 -19.64 9.86
C ARG A 102 2.83 -19.84 9.54
N ALA A 103 2.37 -21.09 9.46
CA ALA A 103 0.97 -21.35 9.18
C ALA A 103 0.07 -20.84 10.30
N ARG A 104 0.48 -21.06 11.55
CA ARG A 104 -0.34 -20.60 12.68
C ARG A 104 -0.42 -19.08 12.70
N ALA A 105 0.66 -18.40 12.33
CA ALA A 105 0.63 -16.94 12.27
C ALA A 105 -0.38 -16.46 11.23
N ILE A 106 -0.40 -17.09 10.06
CA ILE A 106 -1.38 -16.71 9.04
C ILE A 106 -2.78 -16.99 9.53
N LEU A 107 -2.99 -18.12 10.22
CA LEU A 107 -4.32 -18.46 10.70
C LEU A 107 -4.82 -17.44 11.72
N LEU A 108 -3.97 -17.08 12.68
CA LEU A 108 -4.37 -16.10 13.69
C LEU A 108 -4.60 -14.73 13.07
N SER A 109 -3.75 -14.33 12.12
CA SER A 109 -3.93 -13.04 11.47
C SER A 109 -5.21 -13.01 10.66
N LEU A 110 -5.55 -14.12 10.00
CA LEU A 110 -6.82 -14.19 9.29
C LEU A 110 -8.00 -14.11 10.25
N ALA A 111 -7.87 -14.72 11.43
CA ALA A 111 -8.93 -14.60 12.43
C ALA A 111 -9.13 -13.16 12.86
N LEU A 112 -8.04 -12.45 13.16
CA LEU A 112 -8.16 -11.05 13.57
C LEU A 112 -8.70 -10.18 12.43
N TYR A 113 -8.24 -10.45 11.21
CA TYR A 113 -8.67 -9.68 10.05
C TYR A 113 -10.14 -9.90 9.76
N LEU A 114 -10.63 -11.14 9.96
CA LEU A 114 -12.07 -11.40 9.88
C LEU A 114 -12.83 -10.71 11.00
N LEU A 115 -12.23 -10.61 12.20
CA LEU A 115 -12.88 -9.86 13.26
C LEU A 115 -13.08 -8.39 12.87
N GLY A 116 -12.06 -7.79 12.27
CA GLY A 116 -12.21 -6.43 11.77
C GLY A 116 -13.22 -6.34 10.63
N MET A 117 -13.24 -7.36 9.76
CA MET A 117 -14.20 -7.43 8.67
C MET A 117 -15.62 -7.66 9.15
N LEU A 118 -15.80 -8.11 10.39
CA LEU A 118 -17.11 -8.10 11.00
C LEU A 118 -17.41 -6.78 11.69
N ALA A 119 -16.37 -6.11 12.18
CA ALA A 119 -16.57 -4.80 12.81
C ALA A 119 -17.06 -3.76 11.79
N PHE A 120 -16.51 -3.79 10.58
CA PHE A 120 -16.88 -2.75 9.60
C PHE A 120 -18.34 -2.77 9.18
N PRO A 121 -18.94 -3.88 8.73
CA PRO A 121 -20.32 -3.80 8.26
C PRO A 121 -21.33 -3.65 9.39
N LEU A 122 -21.04 -4.20 10.57
CA LEU A 122 -21.90 -3.93 11.72
C LEU A 122 -21.97 -2.45 12.02
N LEU A 123 -20.87 -1.73 11.76
CA LEU A 123 -20.85 -0.29 11.91
C LEU A 123 -21.54 0.43 10.75
N ALA A 124 -21.43 -0.12 9.54
CA ALA A 124 -22.02 0.54 8.38
C ALA A 124 -23.55 0.41 8.38
N ALA A 125 -24.07 -0.69 8.89
CA ALA A 125 -25.52 -0.90 8.88
C ALA A 125 -26.20 0.04 9.88
N PRO A 126 -27.23 0.76 9.48
CA PRO A 126 -27.90 1.69 10.43
C PRO A 126 -28.50 0.98 11.64
N ALA A 127 -28.99 -0.25 11.47
CA ALA A 127 -29.69 -0.92 12.57
C ALA A 127 -28.73 -1.26 13.70
N THR A 128 -27.59 -1.87 13.38
CA THR A 128 -26.66 -2.34 14.40
C THR A 128 -25.66 -1.27 14.84
N ARG A 129 -25.62 -0.12 14.15
CA ARG A 129 -24.76 0.96 14.60
C ARG A 129 -25.19 1.55 15.93
N ALA A 130 -26.48 1.41 16.28
CA ALA A 130 -26.96 1.89 17.57
C ALA A 130 -26.30 1.11 18.71
N ALA A 131 -26.22 -0.21 18.58
CA ALA A 131 -25.62 -1.02 19.62
C ALA A 131 -24.16 -0.66 19.85
N LEU A 132 -23.47 -0.18 18.81
CA LEU A 132 -22.07 0.21 18.96
C LEU A 132 -21.94 1.62 19.53
N CYS A 133 -22.49 2.62 18.84
CA CYS A 133 -22.27 4.00 19.21
C CYS A 133 -23.57 4.82 19.19
N GLY A 134 -24.64 4.32 19.80
CA GLY A 134 -25.89 5.06 19.80
C GLY A 134 -25.80 6.34 20.61
N SER A 135 -25.18 6.28 21.78
CA SER A 135 -25.06 7.45 22.65
C SER A 135 -23.61 7.67 23.06
N ALA A 150 -15.74 15.84 16.61
CA ALA A 150 -16.65 15.47 15.53
C ALA A 150 -16.39 14.05 15.05
N ARG A 151 -16.19 13.14 16.01
CA ARG A 151 -15.96 11.72 15.74
C ARG A 151 -17.02 10.94 16.52
N CYS A 152 -18.11 10.59 15.84
CA CYS A 152 -19.24 9.97 16.52
C CYS A 152 -18.90 8.59 17.07
N CYS A 153 -18.21 7.77 16.28
CA CYS A 153 -17.88 6.39 16.66
C CYS A 153 -16.40 6.13 16.49
N SER A 154 -15.57 7.03 17.03
CA SER A 154 -14.12 6.87 16.91
C SER A 154 -13.58 5.57 17.52
N PRO A 155 -13.99 5.13 18.73
CA PRO A 155 -13.38 3.91 19.27
C PRO A 155 -13.61 2.68 18.42
N ALA A 156 -14.81 2.50 17.88
CA ALA A 156 -15.08 1.31 17.07
C ALA A 156 -14.32 1.35 15.75
N THR A 157 -14.36 2.50 15.06
CA THR A 157 -13.67 2.64 13.78
C THR A 157 -12.16 2.67 13.94
N PHE A 158 -11.64 2.86 15.16
CA PHE A 158 -10.21 2.73 15.40
C PHE A 158 -9.82 1.30 15.75
N ALA A 159 -10.62 0.63 16.58
CA ALA A 159 -10.34 -0.76 16.89
C ALA A 159 -10.42 -1.64 15.65
N GLY A 160 -11.45 -1.44 14.83
CA GLY A 160 -11.55 -2.21 13.61
C GLY A 160 -10.38 -1.97 12.68
N LEU A 161 -9.97 -0.71 12.54
CA LEU A 161 -8.83 -0.39 11.68
C LEU A 161 -7.54 -1.01 12.21
N VAL A 162 -7.35 -0.98 13.52
CA VAL A 162 -6.13 -1.56 14.10
C VAL A 162 -6.10 -3.06 13.88
N LEU A 163 -7.21 -3.74 14.14
CA LEU A 163 -7.25 -5.19 13.95
C LEU A 163 -7.04 -5.57 12.49
N VAL A 164 -7.71 -4.86 11.57
CA VAL A 164 -7.54 -5.13 10.15
C VAL A 164 -6.10 -4.88 9.72
N GLY A 165 -5.49 -3.80 10.21
CA GLY A 165 -4.12 -3.50 9.85
C GLY A 165 -3.16 -4.57 10.32
N LEU A 166 -3.30 -5.02 11.57
CA LEU A 166 -2.42 -6.06 12.08
C LEU A 166 -2.59 -7.36 11.29
N GLY A 167 -3.85 -7.75 11.04
CA GLY A 167 -4.08 -8.98 10.29
C GLY A 167 -3.51 -8.92 8.89
N VAL A 168 -3.75 -7.80 8.19
CA VAL A 168 -3.24 -7.65 6.83
C VAL A 168 -1.72 -7.63 6.83
N ALA A 169 -1.10 -6.97 7.80
CA ALA A 169 0.35 -6.91 7.87
C ALA A 169 0.93 -8.31 8.03
N THR A 170 0.40 -9.09 8.97
CA THR A 170 0.94 -10.43 9.19
C THR A 170 0.71 -11.33 7.98
N VAL A 171 -0.49 -11.29 7.40
CA VAL A 171 -0.77 -12.14 6.24
C VAL A 171 0.14 -11.76 5.07
N LYS A 172 0.28 -10.46 4.81
CA LYS A 172 1.12 -10.03 3.69
C LYS A 172 2.58 -10.38 3.92
N ALA A 173 3.04 -10.32 5.16
CA ALA A 173 4.43 -10.68 5.43
C ALA A 173 4.67 -12.18 5.35
N ASN A 174 3.65 -12.99 5.64
CA ASN A 174 3.87 -14.42 5.79
C ASN A 174 3.42 -15.27 4.60
N ILE A 175 2.51 -14.78 3.76
CA ILE A 175 1.92 -15.65 2.75
C ILE A 175 2.93 -15.99 1.65
N THR A 176 3.74 -15.01 1.22
CA THR A 176 4.66 -15.26 0.12
C THR A 176 5.74 -16.28 0.48
N PRO A 177 6.41 -16.22 1.65
CA PRO A 177 7.32 -17.32 1.98
C PRO A 177 6.61 -18.66 2.09
N PHE A 178 5.38 -18.66 2.59
CA PHE A 178 4.60 -19.90 2.68
C PHE A 178 4.33 -20.45 1.29
N GLY A 179 3.91 -19.59 0.36
CA GLY A 179 3.66 -20.04 -0.99
C GLY A 179 4.91 -20.56 -1.67
N ALA A 180 6.05 -19.89 -1.42
CA ALA A 180 7.31 -20.39 -1.96
C ALA A 180 7.65 -21.76 -1.38
N ASP A 181 7.41 -21.94 -0.08
CA ASP A 181 7.73 -23.20 0.58
C ASP A 181 6.88 -24.34 0.03
N GLN A 182 5.62 -24.08 -0.27
CA GLN A 182 4.74 -25.16 -0.73
C GLN A 182 5.17 -25.77 -2.05
N VAL A 183 6.05 -25.11 -2.80
CA VAL A 183 6.45 -25.59 -4.12
C VAL A 183 7.97 -25.65 -4.29
N LYS A 184 8.74 -25.19 -3.30
CA LYS A 184 10.19 -25.13 -3.44
C LYS A 184 10.82 -26.50 -3.64
N ASP A 185 10.13 -27.57 -3.27
CA ASP A 185 10.72 -28.91 -3.37
C ASP A 185 11.00 -29.29 -4.82
N ARG A 186 10.08 -28.97 -5.72
CA ARG A 186 10.19 -29.46 -7.09
C ARG A 186 11.40 -28.88 -7.81
N GLY A 187 11.60 -27.57 -7.72
CA GLY A 187 12.73 -26.94 -8.36
C GLY A 187 12.49 -25.50 -8.74
N PRO A 188 13.51 -24.85 -9.31
CA PRO A 188 13.37 -23.43 -9.67
C PRO A 188 12.26 -23.14 -10.67
N GLU A 189 12.05 -24.02 -11.66
CA GLU A 189 11.02 -23.78 -12.65
C GLU A 189 9.62 -23.90 -12.06
N ALA A 190 9.43 -24.84 -11.13
CA ALA A 190 8.15 -24.93 -10.43
C ALA A 190 7.87 -23.66 -9.63
N THR A 191 8.89 -23.13 -8.96
CA THR A 191 8.71 -21.88 -8.22
C THR A 191 8.42 -20.72 -9.16
N ARG A 192 9.06 -20.71 -10.33
CA ARG A 192 8.80 -19.64 -11.30
C ARG A 192 7.35 -19.69 -11.78
N ARG A 193 6.85 -20.90 -12.10
CA ARG A 193 5.45 -21.02 -12.49
C ARG A 193 4.51 -20.62 -11.36
N PHE A 194 4.82 -21.06 -10.14
CA PHE A 194 3.98 -20.71 -9.00
C PHE A 194 3.95 -19.21 -8.77
N PHE A 195 5.08 -18.53 -8.96
CA PHE A 195 5.10 -17.10 -8.71
C PHE A 195 4.52 -16.31 -9.86
N ASN A 196 4.55 -16.84 -11.08
CA ASN A 196 3.73 -16.26 -12.14
C ASN A 196 2.26 -16.31 -11.76
N TRP A 197 1.81 -17.48 -11.26
CA TRP A 197 0.43 -17.62 -10.82
C TRP A 197 0.12 -16.67 -9.66
N PHE A 198 1.06 -16.52 -8.73
CA PHE A 198 0.86 -15.61 -7.59
C PHE A 198 0.76 -14.16 -8.05
N TYR A 199 1.64 -13.75 -8.96
CA TYR A 199 1.60 -12.40 -9.52
C TYR A 199 0.23 -12.13 -10.14
N TRP A 200 -0.24 -13.05 -10.98
CA TRP A 200 -1.54 -12.88 -11.62
C TRP A 200 -2.67 -12.91 -10.60
N SER A 201 -2.58 -13.78 -9.59
CA SER A 201 -3.63 -13.85 -8.59
C SER A 201 -3.77 -12.55 -7.83
N ILE A 202 -2.63 -11.96 -7.43
CA ILE A 202 -2.67 -10.67 -6.75
C ILE A 202 -3.27 -9.62 -7.66
N ASN A 203 -2.88 -9.59 -8.93
CA ASN A 203 -3.38 -8.55 -9.83
C ASN A 203 -4.88 -8.67 -10.04
N LEU A 204 -5.37 -9.88 -10.31
CA LEU A 204 -6.81 -10.05 -10.49
C LEU A 204 -7.58 -9.78 -9.20
N GLY A 205 -7.03 -10.15 -8.04
CA GLY A 205 -7.71 -9.82 -6.80
C GLY A 205 -7.86 -8.32 -6.64
N ALA A 206 -6.78 -7.58 -6.84
CA ALA A 206 -6.84 -6.13 -6.69
C ALA A 206 -7.78 -5.50 -7.72
N ILE A 207 -7.71 -5.96 -8.97
CA ILE A 207 -8.52 -5.36 -10.03
C ILE A 207 -10.00 -5.66 -9.82
N LEU A 208 -10.33 -6.91 -9.51
CA LEU A 208 -11.73 -7.26 -9.26
C LEU A 208 -12.28 -6.50 -8.06
N SER A 209 -11.46 -6.36 -7.01
CA SER A 209 -11.87 -5.51 -5.89
C SER A 209 -12.16 -4.10 -6.37
N LEU A 210 -11.15 -3.41 -6.89
CA LEU A 210 -11.28 -2.00 -7.23
C LEU A 210 -12.39 -1.75 -8.24
N GLY A 211 -12.70 -2.71 -9.09
CA GLY A 211 -13.86 -2.55 -9.94
C GLY A 211 -15.16 -2.81 -9.22
N GLY A 212 -15.42 -4.08 -8.89
CA GLY A 212 -16.74 -4.46 -8.44
C GLY A 212 -17.07 -3.94 -7.05
N ILE A 213 -16.18 -4.17 -6.09
CA ILE A 213 -16.49 -3.80 -4.72
C ILE A 213 -16.57 -2.28 -4.59
N ALA A 214 -15.65 -1.57 -5.25
CA ALA A 214 -15.71 -0.11 -5.21
C ALA A 214 -16.97 0.42 -5.85
N TYR A 215 -17.38 -0.15 -7.00
CA TYR A 215 -18.61 0.30 -7.63
C TYR A 215 -19.81 0.07 -6.72
N ILE A 216 -19.89 -1.12 -6.11
CA ILE A 216 -21.01 -1.44 -5.25
C ILE A 216 -21.04 -0.52 -4.04
N GLN A 217 -19.89 -0.31 -3.41
CA GLN A 217 -19.83 0.55 -2.23
C GLN A 217 -20.21 1.98 -2.56
N GLN A 218 -19.77 2.50 -3.72
CA GLN A 218 -20.05 3.88 -4.05
C GLN A 218 -21.49 4.09 -4.48
N ASN A 219 -22.06 3.15 -5.25
CA ASN A 219 -23.35 3.37 -5.88
C ASN A 219 -24.49 2.59 -5.25
N VAL A 220 -24.33 1.29 -5.04
CA VAL A 220 -25.47 0.47 -4.60
C VAL A 220 -25.76 0.72 -3.12
N SER A 221 -24.82 0.37 -2.26
CA SER A 221 -25.00 0.52 -0.82
C SER A 221 -23.66 0.26 -0.14
N PHE A 222 -23.58 0.61 1.14
CA PHE A 222 -22.37 0.35 1.91
C PHE A 222 -22.43 -0.96 2.68
N VAL A 223 -23.62 -1.39 3.09
CA VAL A 223 -23.74 -2.63 3.86
C VAL A 223 -23.34 -3.83 3.00
N THR A 224 -23.84 -3.91 1.77
CA THR A 224 -23.48 -5.04 0.91
C THR A 224 -22.06 -4.93 0.41
N GLY A 225 -21.65 -3.72 0.03
CA GLY A 225 -20.29 -3.50 -0.44
C GLY A 225 -19.23 -3.65 0.62
N TYR A 226 -19.62 -3.66 1.89
CA TYR A 226 -18.69 -3.95 2.98
C TYR A 226 -18.85 -5.36 3.52
N ALA A 227 -19.99 -6.01 3.27
CA ALA A 227 -20.12 -7.42 3.59
C ALA A 227 -19.42 -8.30 2.58
N ILE A 228 -19.31 -7.86 1.32
CA ILE A 228 -18.60 -8.65 0.32
C ILE A 228 -17.14 -8.90 0.70
N PRO A 229 -16.35 -7.90 1.11
CA PRO A 229 -15.00 -8.22 1.60
C PRO A 229 -15.00 -9.10 2.83
N THR A 230 -15.99 -8.96 3.71
CA THR A 230 -16.08 -9.86 4.86
C THR A 230 -16.35 -11.29 4.43
N VAL A 231 -17.22 -11.48 3.44
CA VAL A 231 -17.47 -12.81 2.91
C VAL A 231 -16.20 -13.36 2.26
N CYS A 232 -15.45 -12.50 1.57
CA CYS A 232 -14.19 -12.94 0.97
C CYS A 232 -13.19 -13.39 2.03
N VAL A 233 -13.10 -12.64 3.13
CA VAL A 233 -12.19 -13.02 4.20
C VAL A 233 -12.65 -14.31 4.87
N GLY A 234 -13.96 -14.47 5.04
CA GLY A 234 -14.47 -15.72 5.59
C GLY A 234 -14.16 -16.91 4.71
N LEU A 235 -14.32 -16.74 3.40
CA LEU A 235 -13.96 -17.81 2.47
C LEU A 235 -12.47 -18.12 2.51
N ALA A 236 -11.64 -17.08 2.58
CA ALA A 236 -10.20 -17.30 2.67
C ALA A 236 -9.82 -18.04 3.95
N PHE A 237 -10.43 -17.65 5.08
CA PHE A 237 -10.16 -18.32 6.34
C PHE A 237 -10.61 -19.77 6.31
N VAL A 238 -11.78 -20.03 5.74
CA VAL A 238 -12.25 -21.41 5.62
C VAL A 238 -11.33 -22.23 4.72
N VAL A 239 -10.88 -21.64 3.61
CA VAL A 239 -9.97 -22.33 2.71
C VAL A 239 -8.66 -22.67 3.42
N PHE A 240 -8.11 -21.72 4.18
CA PHE A 240 -6.85 -21.98 4.87
C PHE A 240 -7.03 -22.96 6.01
N LEU A 241 -8.18 -22.96 6.67
CA LEU A 241 -8.41 -23.86 7.80
C LEU A 241 -8.61 -25.29 7.31
N CYS A 242 -9.42 -25.49 6.28
CA CYS A 242 -9.63 -26.82 5.73
C CYS A 242 -8.45 -27.28 4.88
N GLY A 243 -7.72 -26.35 4.28
CA GLY A 243 -6.53 -26.68 3.53
C GLY A 243 -5.28 -26.81 4.36
N GLN A 244 -5.40 -26.67 5.67
CA GLN A 244 -4.22 -26.74 6.54
C GLN A 244 -3.62 -28.14 6.55
N SER A 245 -4.44 -29.18 6.46
CA SER A 245 -3.93 -30.54 6.51
C SER A 245 -3.03 -30.87 5.32
N VAL A 246 -3.31 -30.29 4.15
CA VAL A 246 -2.52 -30.58 2.96
C VAL A 246 -1.35 -29.62 2.77
N PHE A 247 -1.14 -28.69 3.71
CA PHE A 247 -0.04 -27.75 3.61
C PHE A 247 1.25 -28.38 4.12
N ILE A 248 2.37 -27.89 3.60
CA ILE A 248 3.70 -28.31 4.05
C ILE A 248 4.23 -27.19 4.94
N THR A 249 4.39 -27.48 6.23
CA THR A 249 4.80 -26.50 7.22
C THR A 249 6.19 -26.82 7.75
N LYS A 250 6.88 -25.78 8.19
CA LYS A 250 8.22 -25.90 8.74
C LYS A 250 8.26 -25.34 10.16
N PRO A 251 9.12 -25.88 11.03
CA PRO A 251 9.20 -25.35 12.38
C PRO A 251 9.76 -23.94 12.38
N PRO A 252 9.43 -23.13 13.40
CA PRO A 252 9.97 -21.77 13.46
C PRO A 252 11.50 -21.75 13.49
N ASP A 253 12.11 -21.21 12.43
CA ASP A 253 13.56 -21.19 12.33
C ASP A 253 14.16 -20.03 13.11
N GLY A 254 13.63 -18.82 12.92
CA GLY A 254 14.17 -17.65 13.55
C GLY A 254 14.70 -16.64 12.54
N SER A 255 14.02 -15.51 12.41
CA SER A 255 14.38 -14.51 11.41
C SER A 255 15.68 -13.82 11.82
N ALA A 256 16.26 -13.08 10.86
CA ALA A 256 17.48 -12.33 11.11
C ALA A 256 17.27 -11.10 11.99
N PHE A 257 16.01 -10.74 12.27
CA PHE A 257 15.74 -9.58 13.12
C PHE A 257 16.29 -9.77 14.52
N THR A 258 16.17 -10.99 15.06
CA THR A 258 16.68 -11.25 16.40
C THR A 258 18.19 -11.05 16.45
N ASP A 259 18.91 -11.56 15.45
CA ASP A 259 20.35 -11.36 15.39
C ASP A 259 20.69 -9.88 15.22
N MET A 260 19.93 -9.18 14.38
CA MET A 260 20.13 -7.75 14.19
C MET A 260 20.05 -7.01 15.51
N PHE A 261 18.98 -7.24 16.26
CA PHE A 261 18.76 -6.49 17.49
C PHE A 261 19.74 -6.90 18.57
N LYS A 262 20.10 -8.18 18.63
CA LYS A 262 21.11 -8.61 19.59
C LYS A 262 22.46 -7.96 19.30
N ILE A 263 22.85 -7.89 18.03
CA ILE A 263 24.11 -7.25 17.68
C ILE A 263 24.06 -5.76 18.00
N LEU A 264 22.94 -5.10 17.67
CA LEU A 264 22.83 -3.66 17.93
C LEU A 264 22.90 -3.36 19.42
N THR A 265 22.22 -4.16 20.25
CA THR A 265 22.29 -3.96 21.69
C THR A 265 23.69 -4.25 22.22
N TYR A 266 24.34 -5.29 21.70
CA TYR A 266 25.69 -5.62 22.15
C TYR A 266 26.67 -4.50 21.80
N SER A 267 26.54 -3.93 20.60
CA SER A 267 27.41 -2.86 20.17
C SER A 267 27.11 -1.56 20.92
N CYS A 299 31.14 0.13 12.15
CA CYS A 299 32.33 -0.70 12.07
C CYS A 299 32.15 -2.00 12.86
N LYS A 300 31.44 -1.90 13.99
CA LYS A 300 31.17 -3.03 14.87
C LYS A 300 32.45 -3.76 15.26
N MET A 301 32.36 -5.08 15.40
CA MET A 301 33.52 -5.90 15.74
C MET A 301 33.34 -7.28 15.13
N SER A 302 34.47 -7.97 14.92
CA SER A 302 34.48 -9.29 14.33
C SER A 302 35.26 -10.25 15.21
N HIS A 303 34.71 -11.46 15.39
CA HIS A 303 35.33 -12.56 16.14
C HIS A 303 35.81 -12.14 17.53
N GLY A 304 35.27 -11.05 18.06
CA GLY A 304 35.60 -10.61 19.40
C GLY A 304 34.47 -10.87 20.37
N GLY A 305 33.23 -10.66 19.90
CA GLY A 305 32.06 -10.94 20.69
C GLY A 305 31.50 -12.32 20.39
N PRO A 306 30.37 -12.65 21.03
CA PRO A 306 29.75 -13.95 20.77
C PRO A 306 29.34 -14.15 19.32
N PHE A 307 28.93 -13.10 18.63
CA PHE A 307 28.45 -13.22 17.27
C PHE A 307 29.58 -13.56 16.31
N THR A 308 29.24 -14.35 15.28
CA THR A 308 30.21 -14.76 14.28
C THR A 308 30.47 -13.64 13.28
N GLU A 309 31.50 -13.83 12.46
CA GLU A 309 31.87 -12.83 11.47
C GLU A 309 30.81 -12.69 10.38
N GLU A 310 30.16 -13.80 9.99
CA GLU A 310 29.17 -13.74 8.94
C GLU A 310 27.98 -12.85 9.33
N LYS A 311 27.50 -12.99 10.57
CA LYS A 311 26.40 -12.16 11.03
C LYS A 311 26.77 -10.69 11.06
N VAL A 312 28.00 -10.38 11.50
CA VAL A 312 28.46 -8.99 11.52
C VAL A 312 28.53 -8.44 10.11
N GLU A 313 29.03 -9.23 9.16
CA GLU A 313 29.08 -8.79 7.78
C GLU A 313 27.68 -8.53 7.23
N ASP A 314 26.74 -9.41 7.55
CA ASP A 314 25.36 -9.22 7.11
C ASP A 314 24.75 -7.94 7.69
N VAL A 315 25.01 -7.68 8.97
CA VAL A 315 24.49 -6.47 9.60
C VAL A 315 25.10 -5.22 8.97
N LYS A 316 26.40 -5.27 8.68
CA LYS A 316 27.04 -4.15 8.00
C LYS A 316 26.43 -3.92 6.62
N ALA A 317 26.16 -5.01 5.90
CA ALA A 317 25.51 -4.87 4.59
C ALA A 317 24.15 -4.21 4.72
N LEU A 318 23.37 -4.62 5.72
CA LEU A 318 22.05 -4.01 5.91
C LEU A 318 22.16 -2.54 6.27
N VAL A 319 23.15 -2.18 7.09
CA VAL A 319 23.37 -0.77 7.41
C VAL A 319 23.70 0.01 6.16
N LYS A 320 24.52 -0.57 5.28
CA LYS A 320 24.82 0.10 4.01
C LYS A 320 23.58 0.21 3.12
N ILE A 321 22.64 -0.72 3.24
CA ILE A 321 21.45 -0.70 2.39
C ILE A 321 20.42 0.31 2.88
N VAL A 322 20.29 0.51 4.19
CA VAL A 322 19.25 1.34 4.79
C VAL A 322 19.11 2.73 4.17
N PRO A 323 20.20 3.46 3.88
CA PRO A 323 20.02 4.83 3.38
C PRO A 323 19.18 4.94 2.12
N VAL A 324 19.16 3.91 1.27
CA VAL A 324 18.34 3.97 0.07
C VAL A 324 16.85 4.06 0.44
N PHE A 325 16.40 3.22 1.36
CA PHE A 325 15.02 3.30 1.82
C PHE A 325 14.77 4.60 2.58
N LEU A 326 15.77 5.05 3.35
CA LEU A 326 15.64 6.31 4.07
C LEU A 326 15.40 7.46 3.09
N ALA A 327 16.02 7.42 1.92
CA ALA A 327 15.78 8.41 0.89
C ALA A 327 14.46 8.16 0.16
N LEU A 328 14.02 6.91 0.06
CA LEU A 328 12.76 6.58 -0.59
C LEU A 328 11.54 6.92 0.24
N ILE A 329 11.72 7.25 1.53
CA ILE A 329 10.57 7.57 2.38
C ILE A 329 9.64 8.63 1.77
N PRO A 330 10.11 9.81 1.33
CA PRO A 330 9.17 10.78 0.74
C PRO A 330 8.47 10.28 -0.50
N TYR A 331 9.16 9.46 -1.31
CA TYR A 331 8.51 8.79 -2.42
C TYR A 331 7.28 8.02 -1.96
N TRP A 332 7.42 7.24 -0.90
CA TRP A 332 6.28 6.45 -0.43
C TRP A 332 5.21 7.33 0.19
N THR A 333 5.59 8.45 0.80
CA THR A 333 4.59 9.41 1.26
C THR A 333 3.71 9.88 0.11
N VAL A 334 4.34 10.36 -0.97
CA VAL A 334 3.56 10.89 -2.08
C VAL A 334 2.77 9.77 -2.75
N TYR A 335 3.35 8.56 -2.82
CA TYR A 335 2.62 7.43 -3.39
C TYR A 335 1.37 7.12 -2.58
N PHE A 336 1.51 6.97 -1.26
CA PHE A 336 0.36 6.64 -0.44
C PHE A 336 -0.64 7.77 -0.37
N GLN A 337 -0.27 8.97 -0.83
CA GLN A 337 -1.29 9.99 -1.07
C GLN A 337 -2.28 9.58 -2.15
N MET A 338 -1.98 8.54 -2.94
CA MET A 338 -2.78 8.20 -4.12
C MET A 338 -4.26 8.07 -3.81
N GLN A 339 -4.62 7.31 -2.79
CA GLN A 339 -6.02 7.03 -2.50
C GLN A 339 -6.45 7.59 -1.16
N THR A 340 -5.81 8.67 -0.70
CA THR A 340 -6.22 9.36 0.51
C THR A 340 -6.70 10.78 0.22
N THR A 341 -5.85 11.59 -0.42
CA THR A 341 -6.21 12.95 -0.76
C THR A 341 -6.53 13.14 -2.23
N TYR A 342 -5.91 12.37 -3.12
CA TYR A 342 -6.31 12.41 -4.53
C TYR A 342 -7.76 11.95 -4.68
N VAL A 343 -8.18 10.97 -3.87
CA VAL A 343 -9.58 10.53 -3.89
C VAL A 343 -10.48 11.66 -3.42
N LEU A 344 -10.06 12.39 -2.39
CA LEU A 344 -10.84 13.54 -1.91
C LEU A 344 -10.98 14.59 -3.00
N GLN A 345 -9.88 14.91 -3.68
CA GLN A 345 -9.94 15.87 -4.79
C GLN A 345 -10.86 15.37 -5.89
N SER A 346 -10.78 14.08 -6.23
CA SER A 346 -11.66 13.52 -7.26
C SER A 346 -13.11 13.64 -6.85
N LEU A 347 -13.41 13.39 -5.58
CA LEU A 347 -14.77 13.60 -5.08
C LEU A 347 -15.19 15.04 -5.23
N HIS A 348 -14.26 15.98 -5.09
CA HIS A 348 -14.59 17.39 -5.23
C HIS A 348 -14.45 17.91 -6.66
N LEU A 349 -14.13 17.04 -7.62
CA LEU A 349 -14.22 17.36 -9.03
C LEU A 349 -15.54 16.84 -9.59
N ARG A 350 -15.76 17.07 -10.87
CA ARG A 350 -17.01 16.67 -11.52
C ARG A 350 -16.88 15.24 -12.02
N ILE A 351 -17.50 14.30 -11.32
CA ILE A 351 -17.45 12.88 -11.68
C ILE A 351 -18.58 12.56 -12.64
N PRO A 352 -18.29 11.95 -13.79
CA PRO A 352 -19.35 11.62 -14.75
C PRO A 352 -20.29 10.56 -14.20
N GLU A 353 -21.54 10.63 -14.66
CA GLU A 353 -22.57 9.68 -14.28
C GLU A 353 -22.77 8.65 -15.38
N ILE A 354 -22.81 7.38 -15.02
CA ILE A 354 -22.86 6.28 -15.97
C ILE A 354 -24.19 5.54 -15.93
N SER A 355 -25.20 6.09 -15.28
CA SER A 355 -26.52 5.46 -15.22
C SER A 355 -27.57 6.51 -14.94
N ASN A 356 -28.82 6.13 -15.20
CA ASN A 356 -29.95 7.03 -14.98
C ASN A 356 -30.17 7.30 -13.50
N PRO A 361 -29.04 7.39 -9.87
CA PRO A 361 -27.86 8.17 -10.28
C PRO A 361 -26.55 7.50 -9.86
N HIS A 362 -26.02 6.61 -10.69
CA HIS A 362 -24.81 5.87 -10.39
C HIS A 362 -23.63 6.61 -10.98
N THR A 363 -22.88 7.33 -10.14
CA THR A 363 -21.70 8.03 -10.60
C THR A 363 -20.54 7.04 -10.78
N LEU A 364 -19.53 7.49 -11.51
CA LEU A 364 -18.34 6.67 -11.71
C LEU A 364 -17.60 6.51 -10.39
N PRO A 365 -17.15 5.31 -10.04
CA PRO A 365 -16.39 5.15 -8.80
C PRO A 365 -15.11 5.98 -8.83
N ALA A 366 -14.77 6.56 -7.69
CA ALA A 366 -13.54 7.32 -7.57
C ALA A 366 -12.31 6.43 -7.49
N ALA A 367 -12.48 5.14 -7.15
CA ALA A 367 -11.39 4.20 -7.15
C ALA A 367 -11.11 3.62 -8.54
N TRP A 368 -11.96 3.89 -9.52
CA TRP A 368 -11.67 3.44 -10.87
C TRP A 368 -10.44 4.12 -11.44
N LEU A 369 -10.04 5.28 -10.90
CA LEU A 369 -8.81 5.91 -11.36
C LEU A 369 -7.59 5.08 -10.98
N THR A 370 -7.50 4.68 -9.70
CA THR A 370 -6.40 3.81 -9.32
C THR A 370 -6.53 2.42 -9.92
N MET A 371 -7.76 1.96 -10.21
CA MET A 371 -7.90 0.72 -10.95
C MET A 371 -7.33 0.83 -12.35
N PHE A 372 -7.57 1.97 -13.01
CA PHE A 372 -7.00 2.21 -14.33
C PHE A 372 -5.48 2.25 -14.26
N ASP A 373 -4.94 2.88 -13.21
CA ASP A 373 -3.49 2.89 -13.06
C ASP A 373 -2.95 1.48 -12.85
N ALA A 374 -3.65 0.66 -12.07
CA ALA A 374 -3.23 -0.73 -11.88
C ALA A 374 -3.26 -1.50 -13.20
N VAL A 375 -4.31 -1.30 -14.00
CA VAL A 375 -4.38 -1.94 -15.30
C VAL A 375 -3.22 -1.49 -16.18
N LEU A 376 -2.86 -0.20 -16.11
CA LEU A 376 -1.71 0.27 -16.85
C LEU A 376 -0.43 -0.41 -16.40
N ILE A 377 -0.27 -0.59 -15.09
CA ILE A 377 0.91 -1.27 -14.55
C ILE A 377 0.98 -2.70 -15.07
N LEU A 378 -0.14 -3.42 -15.04
CA LEU A 378 -0.17 -4.77 -15.59
C LEU A 378 0.13 -4.80 -17.08
N LEU A 379 -0.39 -3.83 -17.83
CA LEU A 379 -0.15 -3.81 -19.26
C LEU A 379 1.26 -3.35 -19.61
N LEU A 380 1.97 -2.73 -18.68
CA LEU A 380 3.25 -2.14 -19.06
C LEU A 380 4.43 -2.96 -18.55
N ILE A 381 4.36 -3.57 -17.36
CA ILE A 381 5.51 -4.32 -16.85
C ILE A 381 5.96 -5.42 -17.81
N PRO A 382 5.07 -6.28 -18.33
CA PRO A 382 5.53 -7.16 -19.42
C PRO A 382 6.05 -6.40 -20.61
N LEU A 383 5.37 -5.30 -20.98
CA LEU A 383 5.84 -4.47 -22.09
C LEU A 383 7.25 -3.95 -21.83
N LYS A 384 7.48 -3.39 -20.63
CA LYS A 384 8.80 -2.91 -20.28
C LYS A 384 9.82 -4.04 -20.35
N ASP A 385 9.63 -5.08 -19.55
CA ASP A 385 10.60 -6.15 -19.39
C ASP A 385 10.85 -6.92 -20.67
N LYS A 386 9.95 -6.84 -21.66
CA LYS A 386 10.13 -7.59 -22.89
C LYS A 386 10.50 -6.72 -24.09
N LEU A 387 10.33 -5.41 -24.02
CA LEU A 387 10.69 -4.53 -25.12
C LEU A 387 11.80 -3.55 -24.77
N VAL A 388 11.65 -2.80 -23.66
CA VAL A 388 12.62 -1.76 -23.36
C VAL A 388 13.93 -2.39 -22.88
N ASP A 389 13.84 -3.32 -21.94
CA ASP A 389 15.05 -3.91 -21.36
C ASP A 389 15.91 -4.68 -22.36
N PRO A 390 15.36 -5.57 -23.20
CA PRO A 390 16.26 -6.35 -24.09
C PRO A 390 17.03 -5.50 -25.08
N ILE A 391 16.36 -4.62 -25.82
CA ILE A 391 17.06 -3.75 -26.75
C ILE A 391 17.98 -2.78 -26.02
N LEU A 392 17.59 -2.33 -24.83
CA LEU A 392 18.49 -1.46 -24.05
C LEU A 392 19.78 -2.19 -23.71
N ARG A 393 19.69 -3.44 -23.27
CA ARG A 393 20.88 -4.21 -22.97
C ARG A 393 21.71 -4.45 -24.23
N ARG A 394 21.04 -4.76 -25.35
CA ARG A 394 21.76 -5.03 -26.60
C ARG A 394 22.52 -3.80 -27.08
N HIS A 395 21.89 -2.63 -27.01
CA HIS A 395 22.50 -1.40 -27.50
C HIS A 395 23.31 -0.68 -26.45
N GLY A 396 23.32 -1.16 -25.21
CA GLY A 396 24.00 -0.47 -24.14
C GLY A 396 23.17 0.71 -23.63
N LEU A 397 23.86 1.59 -22.90
CA LEU A 397 23.24 2.78 -22.31
C LEU A 397 22.16 2.41 -21.29
N LEU A 398 22.30 1.24 -20.67
CA LEU A 398 21.36 0.86 -19.62
C LEU A 398 21.65 1.65 -18.34
N PRO A 399 20.63 2.10 -17.63
CA PRO A 399 20.85 2.84 -16.39
C PRO A 399 20.97 1.92 -15.19
N SER A 400 21.77 2.35 -14.23
CA SER A 400 21.91 1.62 -12.98
C SER A 400 20.65 1.78 -12.14
N SER A 401 20.63 1.11 -10.98
CA SER A 401 19.45 1.14 -10.13
C SER A 401 19.21 2.55 -9.57
N LEU A 402 20.29 3.23 -9.15
CA LEU A 402 20.13 4.54 -8.54
C LEU A 402 19.59 5.56 -9.54
N LYS A 403 20.01 5.47 -10.80
CA LYS A 403 19.46 6.36 -11.82
C LYS A 403 17.98 6.13 -12.01
N ARG A 404 17.54 4.86 -12.00
CA ARG A 404 16.12 4.57 -12.11
C ARG A 404 15.35 5.10 -10.90
N ILE A 405 15.93 5.00 -9.71
CA ILE A 405 15.29 5.55 -8.52
C ILE A 405 15.14 7.06 -8.66
N ALA A 406 16.17 7.73 -9.17
CA ALA A 406 16.10 9.17 -9.37
C ALA A 406 15.03 9.55 -10.39
N VAL A 407 14.92 8.77 -11.47
CA VAL A 407 13.87 9.03 -12.46
C VAL A 407 12.49 8.85 -11.84
N GLY A 408 12.32 7.81 -11.03
CA GLY A 408 11.05 7.61 -10.35
C GLY A 408 10.70 8.77 -9.42
N MET A 409 11.69 9.26 -8.67
CA MET A 409 11.44 10.40 -7.80
C MET A 409 11.13 11.67 -8.59
N PHE A 410 11.75 11.84 -9.77
CA PHE A 410 11.42 12.99 -10.60
C PHE A 410 10.00 12.90 -11.12
N PHE A 411 9.55 11.70 -11.49
CA PHE A 411 8.16 11.55 -11.93
C PHE A 411 7.19 11.76 -10.77
N VAL A 412 7.59 11.39 -9.56
CA VAL A 412 6.81 11.74 -8.37
C VAL A 412 6.74 13.25 -8.19
N MET A 413 7.86 13.94 -8.39
CA MET A 413 7.87 15.39 -8.35
C MET A 413 6.85 15.96 -9.32
N CYS A 414 6.86 15.45 -10.55
CA CYS A 414 5.93 15.93 -11.57
C CYS A 414 4.49 15.64 -11.18
N SER A 415 4.23 14.47 -10.59
CA SER A 415 2.87 14.14 -10.16
C SER A 415 2.39 15.10 -9.09
N ALA A 416 3.25 15.42 -8.12
CA ALA A 416 2.86 16.34 -7.06
C ALA A 416 2.65 17.75 -7.62
N PHE A 417 3.50 18.18 -8.55
CA PHE A 417 3.29 19.47 -9.20
C PHE A 417 1.95 19.50 -9.94
N ALA A 418 1.62 18.42 -10.66
CA ALA A 418 0.36 18.37 -11.38
C ALA A 418 -0.82 18.41 -10.44
N ALA A 419 -0.73 17.69 -9.32
CA ALA A 419 -1.80 17.73 -8.33
C ALA A 419 -1.97 19.14 -7.76
N GLY A 420 -0.87 19.80 -7.45
CA GLY A 420 -0.97 21.17 -6.95
C GLY A 420 -1.57 22.12 -7.97
N ILE A 421 -1.15 22.00 -9.23
CA ILE A 421 -1.68 22.87 -10.27
C ILE A 421 -3.17 22.64 -10.45
N LEU A 422 -3.60 21.38 -10.49
CA LEU A 422 -5.02 21.08 -10.64
C LEU A 422 -5.81 21.61 -9.45
N GLU A 423 -5.30 21.44 -8.23
CA GLU A 423 -6.02 21.92 -7.06
C GLU A 423 -6.12 23.44 -7.06
N SER A 424 -5.05 24.13 -7.45
CA SER A 424 -5.11 25.58 -7.52
C SER A 424 -6.12 26.03 -8.56
N LYS A 425 -6.14 25.38 -9.73
CA LYS A 425 -7.13 25.72 -10.76
C LYS A 425 -8.54 25.47 -10.27
N ARG A 426 -8.77 24.34 -9.60
CA ARG A 426 -10.10 24.04 -9.08
C ARG A 426 -10.55 25.05 -8.03
N LEU A 427 -9.63 25.44 -7.14
CA LEU A 427 -9.99 26.41 -6.12
C LEU A 427 -10.25 27.78 -6.71
N ASN A 428 -9.52 28.15 -7.77
CA ASN A 428 -9.80 29.41 -8.45
C ASN A 428 -11.14 29.36 -9.18
N LEU A 429 -11.48 28.22 -9.75
CA LEU A 429 -12.71 28.09 -10.54
C LEU A 429 -13.94 28.04 -9.64
N VAL A 430 -13.85 27.34 -8.51
CA VAL A 430 -15.02 27.11 -7.66
C VAL A 430 -15.48 28.39 -6.97
N LYS A 431 -14.71 29.47 -7.05
CA LYS A 431 -15.08 30.71 -6.36
C LYS A 431 -16.39 31.30 -6.89
N GLU A 432 -16.80 30.94 -8.09
CA GLU A 432 -18.05 31.45 -8.65
C GLU A 432 -19.02 30.37 -9.08
N LYS A 433 -18.54 29.23 -9.58
CA LYS A 433 -19.40 28.16 -10.06
C LYS A 433 -19.14 26.90 -9.25
N THR A 434 -20.22 26.29 -8.76
CA THR A 434 -20.14 25.03 -8.03
C THR A 434 -21.42 24.26 -8.26
N ILE A 435 -21.31 22.95 -8.49
CA ILE A 435 -22.46 22.11 -8.76
C ILE A 435 -22.55 21.06 -7.66
N ASN A 436 -23.75 20.91 -7.09
CA ASN A 436 -23.96 19.95 -6.02
C ASN A 436 -24.10 18.56 -6.61
N GLN A 437 -23.25 17.63 -6.16
CA GLN A 437 -23.31 16.24 -6.57
C GLN A 437 -23.32 15.36 -5.33
N THR A 438 -24.05 14.25 -5.40
CA THR A 438 -24.15 13.31 -4.30
C THR A 438 -23.44 12.02 -4.67
N ILE A 439 -22.60 11.54 -3.77
CA ILE A 439 -21.83 10.31 -3.98
C ILE A 439 -22.07 9.43 -2.75
N GLY A 440 -23.04 8.54 -2.84
CA GLY A 440 -23.43 7.71 -1.71
C GLY A 440 -24.53 8.38 -0.90
N ASN A 441 -24.18 8.86 0.30
CA ASN A 441 -25.13 9.54 1.17
C ASN A 441 -24.84 11.03 1.34
N VAL A 442 -23.60 11.44 1.12
CA VAL A 442 -23.17 12.81 1.37
C VAL A 442 -23.16 13.58 0.06
N VAL A 443 -23.39 14.89 0.14
CA VAL A 443 -23.45 15.77 -1.02
C VAL A 443 -22.19 16.61 -1.05
N TYR A 444 -21.49 16.61 -2.18
CA TYR A 444 -20.25 17.34 -2.36
C TYR A 444 -20.49 18.54 -3.26
N HIS A 445 -20.02 19.71 -2.83
CA HIS A 445 -20.09 20.92 -3.65
C HIS A 445 -18.85 20.94 -4.53
N ALA A 446 -18.87 20.14 -5.59
CA ALA A 446 -17.74 20.02 -6.51
C ALA A 446 -17.66 21.23 -7.41
N ALA A 447 -16.53 21.33 -8.11
CA ALA A 447 -16.34 22.38 -9.10
C ALA A 447 -16.87 21.92 -10.46
N ASP A 448 -16.84 22.85 -11.42
CA ASP A 448 -17.29 22.53 -12.77
C ASP A 448 -16.27 21.64 -13.49
N LEU A 449 -14.99 21.84 -13.21
CA LEU A 449 -13.92 21.16 -13.95
C LEU A 449 -14.07 19.65 -13.87
N SER A 450 -13.84 18.99 -15.00
CA SER A 450 -14.11 17.56 -15.13
C SER A 450 -13.07 16.73 -14.41
N LEU A 451 -13.47 15.51 -14.02
CA LEU A 451 -12.59 14.61 -13.27
C LEU A 451 -11.42 14.13 -14.12
N TRP A 452 -11.63 13.97 -15.42
CA TRP A 452 -10.63 13.30 -16.26
C TRP A 452 -9.32 14.06 -16.37
N TRP A 453 -9.27 15.31 -15.95
CA TRP A 453 -7.98 16.01 -15.93
C TRP A 453 -7.08 15.53 -14.82
N GLN A 454 -7.58 14.70 -13.91
CA GLN A 454 -6.77 14.08 -12.87
C GLN A 454 -5.99 12.86 -13.38
N VAL A 455 -6.27 12.41 -14.61
CA VAL A 455 -5.58 11.23 -15.14
C VAL A 455 -4.07 11.42 -15.18
N PRO A 456 -3.51 12.56 -15.59
CA PRO A 456 -2.04 12.69 -15.60
C PRO A 456 -1.38 12.39 -14.26
N GLN A 457 -1.98 12.79 -13.14
CA GLN A 457 -1.38 12.52 -11.84
C GLN A 457 -1.27 11.03 -11.58
N TYR A 458 -2.32 10.28 -11.86
CA TYR A 458 -2.29 8.83 -11.63
C TYR A 458 -1.33 8.14 -12.59
N LEU A 459 -1.30 8.59 -13.86
CA LEU A 459 -0.35 8.00 -14.81
C LEU A 459 1.09 8.26 -14.36
N LEU A 460 1.38 9.47 -13.90
CA LEU A 460 2.73 9.77 -13.42
C LEU A 460 3.06 8.95 -12.18
N ILE A 461 2.10 8.75 -11.29
CA ILE A 461 2.34 7.93 -10.10
C ILE A 461 2.66 6.50 -10.52
N GLY A 462 1.92 5.95 -11.47
CA GLY A 462 2.19 4.59 -11.91
C GLY A 462 3.55 4.43 -12.57
N ILE A 463 3.91 5.38 -13.44
CA ILE A 463 5.22 5.33 -14.09
C ILE A 463 6.34 5.47 -13.05
N SER A 464 6.18 6.39 -12.11
CA SER A 464 7.16 6.52 -11.05
C SER A 464 7.26 5.24 -10.24
N GLU A 465 6.13 4.56 -10.03
CA GLU A 465 6.14 3.30 -9.29
C GLU A 465 6.98 2.26 -10.01
N ILE A 466 6.69 2.04 -11.29
CA ILE A 466 7.44 1.02 -12.03
C ILE A 466 8.91 1.39 -12.14
N PHE A 467 9.23 2.69 -12.12
CA PHE A 467 10.62 3.09 -12.24
C PHE A 467 11.39 3.01 -10.92
N ALA A 468 10.71 3.21 -9.79
CA ALA A 468 11.42 3.38 -8.51
C ALA A 468 11.22 2.22 -7.55
N SER A 469 10.00 1.72 -7.39
CA SER A 469 9.77 0.68 -6.38
C SER A 469 10.51 -0.60 -6.73
N ILE A 470 10.52 -0.97 -8.01
CA ILE A 470 11.24 -2.17 -8.43
C ILE A 470 12.74 -1.95 -8.36
N ALA A 471 13.21 -0.77 -8.77
CA ALA A 471 14.65 -0.49 -8.76
C ALA A 471 15.20 -0.46 -7.35
N GLY A 472 14.42 0.02 -6.37
CA GLY A 472 14.89 0.01 -5.01
C GLY A 472 15.19 -1.39 -4.49
N LEU A 473 14.26 -2.32 -4.71
CA LEU A 473 14.51 -3.70 -4.30
C LEU A 473 15.60 -4.35 -5.12
N GLU A 474 15.71 -4.02 -6.41
CA GLU A 474 16.79 -4.57 -7.21
C GLU A 474 18.15 -4.14 -6.65
N PHE A 475 18.29 -2.86 -6.30
CA PHE A 475 19.53 -2.39 -5.69
C PHE A 475 19.77 -3.04 -4.35
N ALA A 476 18.73 -3.15 -3.51
CA ALA A 476 18.91 -3.73 -2.19
C ALA A 476 19.34 -5.19 -2.29
N TYR A 477 18.73 -5.96 -3.20
CA TYR A 477 19.14 -7.34 -3.41
C TYR A 477 20.56 -7.42 -3.94
N SER A 478 20.92 -6.52 -4.85
CA SER A 478 22.28 -6.52 -5.40
C SER A 478 23.34 -6.17 -4.36
N ALA A 479 22.93 -5.56 -3.23
CA ALA A 479 23.86 -5.16 -2.19
C ALA A 479 23.66 -5.95 -0.89
N ALA A 480 22.97 -7.09 -0.96
CA ALA A 480 22.73 -7.93 0.19
C ALA A 480 23.12 -9.36 -0.11
N PRO A 481 23.52 -10.12 0.90
CA PRO A 481 23.83 -11.53 0.68
C PRO A 481 22.58 -12.30 0.25
N LYS A 482 22.80 -13.36 -0.53
CA LYS A 482 21.69 -14.15 -1.06
C LYS A 482 20.96 -14.93 0.01
N SER A 483 21.46 -14.94 1.24
CA SER A 483 20.81 -15.64 2.35
C SER A 483 19.92 -14.73 3.18
N MET A 484 19.66 -13.51 2.73
CA MET A 484 18.90 -12.56 3.54
C MET A 484 17.70 -11.98 2.82
N GLN A 485 16.90 -12.82 2.17
CA GLN A 485 15.59 -12.38 1.72
C GLN A 485 14.60 -12.48 2.87
N SER A 486 13.45 -11.84 2.70
CA SER A 486 12.42 -11.63 3.70
C SER A 486 12.87 -10.69 4.81
N ALA A 487 14.13 -10.27 4.82
CA ALA A 487 14.58 -9.17 5.66
C ALA A 487 14.77 -7.88 4.89
N ILE A 488 15.16 -7.98 3.61
CA ILE A 488 15.12 -6.83 2.73
C ILE A 488 13.68 -6.39 2.50
N MET A 489 12.79 -7.34 2.24
CA MET A 489 11.38 -7.02 2.06
C MET A 489 10.79 -6.45 3.35
N GLY A 490 11.19 -6.99 4.49
CA GLY A 490 10.70 -6.45 5.75
C GLY A 490 11.07 -5.01 5.96
N LEU A 491 12.36 -4.68 5.75
CA LEU A 491 12.78 -3.30 5.92
C LEU A 491 12.15 -2.39 4.87
N PHE A 492 11.99 -2.89 3.64
CA PHE A 492 11.34 -2.11 2.60
C PHE A 492 9.92 -1.74 3.01
N PHE A 493 9.15 -2.73 3.47
CA PHE A 493 7.79 -2.46 3.91
C PHE A 493 7.77 -1.55 5.14
N PHE A 494 8.71 -1.73 6.06
CA PHE A 494 8.76 -0.89 7.24
C PHE A 494 8.99 0.57 6.87
N PHE A 495 9.90 0.83 5.94
CA PHE A 495 10.15 2.21 5.55
C PHE A 495 9.03 2.77 4.70
N SER A 496 8.32 1.92 3.95
CA SER A 496 7.12 2.39 3.26
C SER A 496 6.06 2.83 4.27
N GLY A 497 5.85 2.04 5.32
CA GLY A 497 4.92 2.44 6.36
C GLY A 497 5.36 3.69 7.10
N VAL A 498 6.67 3.84 7.31
CA VAL A 498 7.21 5.05 7.92
C VAL A 498 6.92 6.25 7.04
N GLY A 499 7.05 6.09 5.72
CA GLY A 499 6.71 7.17 4.81
C GLY A 499 5.24 7.55 4.87
N SER A 500 4.37 6.54 4.96
CA SER A 500 2.94 6.83 5.10
C SER A 500 2.65 7.57 6.41
N PHE A 501 3.28 7.15 7.51
CA PHE A 501 3.11 7.82 8.78
C PHE A 501 3.62 9.26 8.70
N VAL A 502 4.72 9.48 7.99
CA VAL A 502 5.26 10.83 7.81
C VAL A 502 4.28 11.69 7.03
N GLY A 503 3.66 11.13 5.99
CA GLY A 503 2.67 11.88 5.25
C GLY A 503 1.47 12.27 6.10
N SER A 504 0.97 11.31 6.89
CA SER A 504 -0.14 11.62 7.80
C SER A 504 0.25 12.68 8.82
N GLY A 505 1.47 12.59 9.35
CA GLY A 505 1.94 13.57 10.31
C GLY A 505 2.07 14.96 9.70
N LEU A 506 2.55 15.04 8.45
CA LEU A 506 2.63 16.32 7.77
C LEU A 506 1.24 16.91 7.53
N LEU A 507 0.29 16.06 7.15
CA LEU A 507 -1.08 16.55 6.97
C LEU A 507 -1.65 17.08 8.28
N ALA A 508 -1.40 16.36 9.38
CA ALA A 508 -1.85 16.84 10.69
C ALA A 508 -1.14 18.14 11.08
N LEU A 509 0.15 18.25 10.79
CA LEU A 509 0.91 19.45 11.13
C LEU A 509 0.38 20.67 10.38
N VAL A 510 0.07 20.51 9.10
CA VAL A 510 -0.54 21.61 8.36
C VAL A 510 -2.01 21.79 8.69
N SER A 511 -2.61 20.83 9.41
CA SER A 511 -3.99 20.97 9.86
C SER A 511 -4.14 21.79 11.14
N ILE A 512 -3.04 22.22 11.75
CA ILE A 512 -3.14 22.96 13.00
C ILE A 512 -3.60 24.39 12.72
N LYS A 513 -4.06 25.06 13.78
CA LYS A 513 -4.56 26.42 13.65
C LYS A 513 -3.44 27.45 13.51
N ALA A 514 -2.21 27.10 13.89
CA ALA A 514 -1.09 28.03 13.74
C ALA A 514 -0.82 28.35 12.27
N ILE A 515 -0.84 27.33 11.42
CA ILE A 515 -0.67 27.54 9.99
C ILE A 515 -1.99 27.81 9.29
N GLY A 516 -3.03 27.05 9.65
CA GLY A 516 -4.34 27.30 9.11
C GLY A 516 -4.52 26.91 7.66
N TRP A 517 -3.68 26.02 7.14
CA TRP A 517 -3.83 25.59 5.76
C TRP A 517 -5.13 24.82 5.55
N MET A 518 -5.50 23.98 6.50
CA MET A 518 -6.73 23.19 6.43
C MET A 518 -7.52 23.32 7.72
N SER A 519 -7.69 24.56 8.19
CA SER A 519 -8.40 24.80 9.43
C SER A 519 -9.76 25.44 9.16
N SER A 520 -10.43 24.99 8.10
CA SER A 520 -11.75 25.51 7.76
C SER A 520 -12.85 24.55 8.23
N GLY A 525 -17.02 17.94 5.37
CA GLY A 525 -15.99 17.35 4.52
C GLY A 525 -15.56 18.26 3.39
N ASN A 526 -16.05 19.49 3.41
CA ASN A 526 -15.72 20.46 2.37
C ASN A 526 -14.28 20.93 2.52
N ILE A 527 -13.52 20.86 1.42
CA ILE A 527 -12.15 21.35 1.38
C ILE A 527 -12.04 22.64 0.59
N ASN A 528 -13.17 23.23 0.19
CA ASN A 528 -13.14 24.49 -0.54
C ASN A 528 -12.55 25.60 0.33
N GLY A 529 -12.87 25.60 1.62
CA GLY A 529 -12.26 26.54 2.53
C GLY A 529 -10.86 26.19 2.98
N CYS A 530 -10.38 25.00 2.62
CA CYS A 530 -9.03 24.58 2.96
C CYS A 530 -8.07 24.92 1.83
N TYR A 531 -6.78 24.66 2.07
CA TYR A 531 -5.71 24.91 1.11
C TYR A 531 -4.95 23.60 0.91
N LEU A 532 -5.44 22.77 -0.01
CA LEU A 532 -4.75 21.54 -0.34
C LEU A 532 -3.61 21.75 -1.34
N ASN A 533 -3.69 22.81 -2.14
CA ASN A 533 -2.62 23.09 -3.11
C ASN A 533 -1.30 23.35 -2.39
N TYR A 534 -1.34 24.08 -1.28
CA TYR A 534 -0.12 24.34 -0.51
C TYR A 534 0.46 23.04 0.03
N TYR A 535 -0.40 22.13 0.49
CA TYR A 535 0.09 20.84 1.00
C TYR A 535 0.72 20.01 -0.12
N PHE A 536 0.10 19.98 -1.29
CA PHE A 536 0.69 19.26 -2.41
C PHE A 536 2.02 19.87 -2.82
N PHE A 537 2.11 21.20 -2.84
CA PHE A 537 3.37 21.85 -3.15
C PHE A 537 4.43 21.56 -2.09
N LEU A 538 4.03 21.46 -0.83
CA LEU A 538 4.97 21.07 0.22
C LEU A 538 5.49 19.66 0.00
N LEU A 539 4.61 18.74 -0.40
CA LEU A 539 5.05 17.39 -0.72
C LEU A 539 6.04 17.41 -1.87
N ALA A 540 5.75 18.20 -2.91
CA ALA A 540 6.67 18.31 -4.04
C ALA A 540 8.01 18.89 -3.61
N ALA A 541 7.99 19.91 -2.75
CA ALA A 541 9.23 20.55 -2.31
C ALA A 541 10.08 19.61 -1.47
N ILE A 542 9.46 18.86 -0.55
CA ILE A 542 10.24 17.93 0.26
C ILE A 542 10.79 16.80 -0.60
N GLN A 543 9.99 16.34 -1.57
CA GLN A 543 10.49 15.34 -2.51
C GLN A 543 11.68 15.88 -3.31
N GLY A 544 11.60 17.16 -3.70
CA GLY A 544 12.70 17.76 -4.44
C GLY A 544 13.98 17.87 -3.62
N ALA A 545 13.85 18.31 -2.36
CA ALA A 545 15.02 18.37 -1.50
C ALA A 545 15.63 17.00 -1.30
N THR A 546 14.78 15.98 -1.09
CA THR A 546 15.28 14.62 -0.96
C THR A 546 15.98 14.16 -2.22
N LEU A 547 15.42 14.47 -3.40
CA LEU A 547 16.02 14.04 -4.65
C LEU A 547 17.38 14.70 -4.87
N LEU A 548 17.48 16.01 -4.61
CA LEU A 548 18.77 16.68 -4.76
C LEU A 548 19.81 16.12 -3.80
N LEU A 549 19.41 15.90 -2.53
CA LEU A 549 20.35 15.29 -1.59
C LEU A 549 20.78 13.91 -2.05
N PHE A 550 19.83 13.12 -2.56
CA PHE A 550 20.13 11.77 -3.05
C PHE A 550 21.11 11.82 -4.20
N LEU A 551 20.92 12.75 -5.14
CA LEU A 551 21.82 12.86 -6.28
C LEU A 551 23.21 13.30 -5.83
N ILE A 552 23.29 14.27 -4.92
CA ILE A 552 24.60 14.72 -4.45
C ILE A 552 25.34 13.59 -3.75
N ILE A 553 24.63 12.80 -2.94
CA ILE A 553 25.27 11.67 -2.27
C ILE A 553 25.69 10.61 -3.29
N SER A 554 24.83 10.35 -4.29
CA SER A 554 25.11 9.29 -5.25
C SER A 554 26.28 9.63 -6.16
N VAL A 555 26.52 10.91 -6.41
CA VAL A 555 27.69 11.29 -7.20
C VAL A 555 28.97 10.83 -6.51
N LYS A 556 29.08 11.09 -5.20
CA LYS A 556 30.24 10.60 -4.45
C LYS A 556 30.22 9.08 -4.35
N TYR A 557 29.05 8.48 -4.12
CA TYR A 557 28.96 7.04 -3.97
C TYR A 557 29.41 6.31 -5.23
N ASP A 558 28.99 6.80 -6.40
CA ASP A 558 29.35 6.18 -7.66
C ASP A 558 30.64 6.79 -8.22
N MET B 1 0.57 -0.69 -1.83
CA MET B 1 1.17 -0.39 -3.13
C MET B 1 0.75 -1.42 -4.17
N LEU B 2 0.71 -0.99 -5.43
CA LEU B 2 0.27 -1.85 -6.51
C LEU B 2 1.39 -2.70 -7.09
N SER B 3 2.65 -2.40 -6.76
CA SER B 3 3.77 -3.12 -7.34
C SER B 3 4.20 -4.32 -6.51
N GLU B 4 3.63 -4.52 -5.32
CA GLU B 4 4.08 -5.61 -4.47
C GLU B 4 3.76 -6.99 -5.06
N GLY B 5 2.78 -7.07 -5.96
CA GLY B 5 2.57 -8.32 -6.67
C GLY B 5 3.77 -8.72 -7.50
N TYR B 6 4.39 -7.75 -8.18
CA TYR B 6 5.61 -8.02 -8.92
C TYR B 6 6.81 -8.14 -7.99
N LEU B 7 6.80 -7.40 -6.88
CA LEU B 7 7.93 -7.42 -5.96
C LEU B 7 8.00 -8.70 -5.13
N SER B 8 6.89 -9.44 -5.03
CA SER B 8 6.88 -10.64 -4.19
C SER B 8 7.86 -11.67 -4.68
N GLY B 9 7.93 -11.89 -5.99
CA GLY B 9 8.86 -12.84 -6.55
C GLY B 9 9.90 -12.19 -7.44
N LEU B 10 10.42 -11.04 -6.99
CA LEU B 10 11.36 -10.29 -7.80
C LEU B 10 12.65 -11.07 -8.08
N GLU B 11 13.14 -11.81 -7.08
CA GLU B 11 14.40 -12.52 -7.25
C GLU B 11 14.29 -13.63 -8.30
N TYR B 12 13.08 -14.12 -8.55
CA TYR B 12 12.84 -15.15 -9.55
C TYR B 12 12.55 -14.56 -10.93
N TRP B 13 12.85 -13.27 -11.12
CA TRP B 13 12.54 -12.55 -12.34
C TRP B 13 11.06 -12.71 -12.69
N ASN B 14 10.22 -12.21 -11.79
CA ASN B 14 8.78 -12.39 -11.87
C ASN B 14 8.19 -11.79 -13.13
#